data_7CPL
#
_entry.id   7CPL
#
_cell.length_a   52.085
_cell.length_b   53.897
_cell.length_c   127.413
_cell.angle_alpha   90.000
_cell.angle_beta   90.000
_cell.angle_gamma   90.000
#
_symmetry.space_group_name_H-M   'P 21 21 21'
#
loop_
_entity.id
_entity.type
_entity.pdbx_description
1 polymer 'Endo-1,4-beta-xylanase A'
2 non-polymer (4S)-2-METHYL-2,4-PENTANEDIOL
3 non-polymer 'CALCIUM ION'
4 non-polymer 'NICKEL (II) ION'
5 water water
#
_entity_poly.entity_id   1
_entity_poly.type   'polypeptide(L)'
_entity_poly.pdbx_seq_one_letter_code
;MNDQPFAWQVASLSERYQEQFDIGAAVEPYQLEGRQAQILKHHYNSLVAENAMKPESLQPREGEWNWEGADKIVEFARKH
NMELRFHTLVWHEQVPEWFFIDEDGNRMVDETDPDKREANKQLLLERMENHIKTVVERYKDDVTSWDVVNEVIDDGGGLR
ESEWYQITGTDYIKVAFETARKYGGEEAKLYINDYNTEVPSKRDDLYNLVKDLLEQGVPIDGVGHQSHIQIGWPSIEDTR
ASFEKFTSLGLDNQVTELDMSLYGWPPTGAYTSYDDIPAELLQAQADRYDQLFELYEELAADISSVTFWGIADNHTWLDG
RAREYNNGVGIDAPFVFDHNYRVKPAYWRIIDLEHHHHHH
;
_entity_poly.pdbx_strand_id   A
#
loop_
_chem_comp.id
_chem_comp.type
_chem_comp.name
_chem_comp.formula
CA non-polymer 'CALCIUM ION' 'Ca 2'
MPD non-polymer (4S)-2-METHYL-2,4-PENTANEDIOL 'C6 H14 O2'
NI non-polymer 'NICKEL (II) ION' 'Ni 2'
#
# COMPACT_ATOMS: atom_id res chain seq x y z
N ASP A 3 12.07 -31.28 1.10
CA ASP A 3 12.01 -29.82 1.07
C ASP A 3 10.97 -29.34 0.09
N GLN A 4 10.31 -28.23 0.45
CA GLN A 4 9.24 -27.68 -0.36
C GLN A 4 9.79 -27.23 -1.72
N PRO A 5 8.96 -27.30 -2.77
CA PRO A 5 9.43 -26.85 -4.08
C PRO A 5 9.63 -25.35 -4.11
N PHE A 6 10.40 -24.90 -5.10
CA PHE A 6 10.63 -23.47 -5.27
C PHE A 6 9.40 -22.81 -5.89
N ALA A 7 9.30 -21.49 -5.70
CA ALA A 7 8.13 -20.77 -6.17
C ALA A 7 7.96 -20.87 -7.69
N TRP A 8 9.05 -20.99 -8.43
CA TRP A 8 8.93 -21.09 -9.88
C TRP A 8 8.57 -22.50 -10.35
N GLN A 9 8.33 -23.43 -9.42
CA GLN A 9 7.99 -24.81 -9.73
C GLN A 9 6.53 -25.16 -9.44
N VAL A 10 5.71 -24.18 -9.02
CA VAL A 10 4.34 -24.45 -8.59
C VAL A 10 3.38 -23.54 -9.36
N ALA A 11 2.08 -23.89 -9.28
CA ALA A 11 1.04 -23.20 -10.04
C ALA A 11 0.90 -21.73 -9.65
N SER A 12 0.59 -20.91 -10.66
CA SER A 12 0.52 -19.45 -10.53
C SER A 12 -0.59 -18.97 -9.58
N LEU A 13 -0.21 -18.09 -8.64
CA LEU A 13 -1.20 -17.45 -7.77
C LEU A 13 -2.17 -16.60 -8.57
N SER A 14 -1.66 -15.76 -9.47
CA SER A 14 -2.55 -14.86 -10.20
C SER A 14 -3.56 -15.64 -11.03
N GLU A 15 -3.15 -16.76 -11.62
N GLU A 15 -3.16 -16.78 -11.60
CA GLU A 15 -4.11 -17.57 -12.36
CA GLU A 15 -4.10 -17.59 -12.37
C GLU A 15 -5.21 -18.10 -11.44
C GLU A 15 -5.18 -18.19 -11.47
N ARG A 16 -4.84 -18.53 -10.24
CA ARG A 16 -5.82 -19.06 -9.30
C ARG A 16 -6.92 -18.05 -8.97
N TYR A 17 -6.61 -16.75 -9.05
CA TYR A 17 -7.57 -15.73 -8.67
C TYR A 17 -8.10 -14.95 -9.87
N GLN A 18 -7.92 -15.49 -11.08
CA GLN A 18 -8.61 -14.94 -12.25
C GLN A 18 -10.10 -14.78 -11.98
N GLU A 19 -10.68 -13.73 -12.53
CA GLU A 19 -12.09 -13.39 -12.36
C GLU A 19 -12.44 -13.15 -10.90
N GLN A 20 -11.43 -12.96 -10.04
CA GLN A 20 -11.69 -12.59 -8.66
C GLN A 20 -10.94 -11.31 -8.30
N PHE A 21 -9.61 -11.30 -8.36
CA PHE A 21 -8.84 -10.08 -8.15
C PHE A 21 -7.43 -10.32 -8.66
N ASP A 22 -6.76 -9.24 -9.09
CA ASP A 22 -5.34 -9.34 -9.41
C ASP A 22 -4.52 -9.66 -8.18
N ILE A 23 -3.35 -10.25 -8.39
CA ILE A 23 -2.41 -10.57 -7.31
C ILE A 23 -1.14 -9.77 -7.56
N GLY A 24 -0.78 -8.91 -6.62
CA GLY A 24 0.32 -7.99 -6.81
C GLY A 24 1.46 -8.11 -5.82
N ALA A 25 2.59 -7.50 -6.15
CA ALA A 25 3.75 -7.47 -5.27
C ALA A 25 4.41 -6.11 -5.31
N ALA A 26 4.90 -5.66 -4.16
CA ALA A 26 5.75 -4.48 -4.09
C ALA A 26 7.19 -4.85 -4.45
N VAL A 27 7.83 -4.01 -5.25
CA VAL A 27 9.16 -4.34 -5.76
C VAL A 27 10.08 -3.14 -5.70
N GLU A 28 11.40 -3.45 -5.66
CA GLU A 28 12.48 -2.52 -5.91
C GLU A 28 13.06 -2.78 -7.30
N PRO A 29 13.60 -1.76 -7.96
CA PRO A 29 14.12 -2.00 -9.33
C PRO A 29 15.19 -3.08 -9.39
N TYR A 30 15.99 -3.25 -8.34
CA TYR A 30 17.06 -4.25 -8.37
C TYR A 30 16.54 -5.66 -8.24
N GLN A 31 15.26 -5.84 -7.94
CA GLN A 31 14.65 -7.17 -7.89
C GLN A 31 14.09 -7.62 -9.22
N LEU A 32 14.19 -6.80 -10.26
CA LEU A 32 13.58 -7.11 -11.56
C LEU A 32 14.53 -7.92 -12.43
N GLU A 33 15.29 -8.81 -11.81
CA GLU A 33 16.13 -9.74 -12.54
CA GLU A 33 16.18 -9.73 -12.53
C GLU A 33 16.21 -11.04 -11.76
N GLY A 34 16.79 -12.06 -12.39
CA GLY A 34 17.04 -13.32 -11.71
C GLY A 34 15.78 -13.98 -11.16
N ARG A 35 15.94 -14.65 -10.02
CA ARG A 35 14.84 -15.45 -9.47
C ARG A 35 13.65 -14.59 -9.07
N GLN A 36 13.89 -13.41 -8.50
CA GLN A 36 12.75 -12.58 -8.10
C GLN A 36 11.92 -12.17 -9.31
N ALA A 37 12.58 -11.81 -10.43
CA ALA A 37 11.81 -11.47 -11.62
C ALA A 37 11.09 -12.69 -12.16
N GLN A 38 11.73 -13.86 -12.12
CA GLN A 38 11.08 -15.10 -12.54
C GLN A 38 9.81 -15.37 -11.73
N ILE A 39 9.88 -15.15 -10.42
CA ILE A 39 8.72 -15.35 -9.55
C ILE A 39 7.63 -14.33 -9.85
N LEU A 40 8.00 -13.07 -10.07
CA LEU A 40 7.01 -12.05 -10.42
C LEU A 40 6.23 -12.45 -11.67
N LYS A 41 6.94 -12.84 -12.73
CA LYS A 41 6.28 -13.20 -13.98
C LYS A 41 5.40 -14.43 -13.80
N HIS A 42 5.82 -15.36 -12.96
CA HIS A 42 5.10 -16.62 -12.80
C HIS A 42 3.83 -16.45 -11.97
N HIS A 43 3.85 -15.57 -10.97
CA HIS A 43 2.80 -15.55 -9.95
C HIS A 43 1.96 -14.29 -9.88
N TYR A 44 2.45 -13.17 -10.38
CA TYR A 44 1.80 -11.88 -10.12
C TYR A 44 1.37 -11.24 -11.41
N ASN A 45 0.26 -10.51 -11.37
CA ASN A 45 -0.18 -9.76 -12.54
C ASN A 45 -0.38 -8.29 -12.21
N SER A 46 0.18 -7.82 -11.10
CA SER A 46 0.11 -6.42 -10.75
C SER A 46 1.35 -6.09 -9.92
N LEU A 47 1.81 -4.85 -10.03
CA LEU A 47 3.02 -4.39 -9.33
C LEU A 47 2.74 -3.08 -8.61
N VAL A 48 3.57 -2.79 -7.62
CA VAL A 48 3.66 -1.47 -7.02
C VAL A 48 5.13 -1.24 -6.66
N ALA A 49 5.57 0.02 -6.72
CA ALA A 49 6.93 0.37 -6.31
C ALA A 49 6.97 0.47 -4.80
N GLU A 50 7.82 -0.36 -4.17
CA GLU A 50 7.96 -0.27 -2.71
C GLU A 50 8.42 1.12 -2.29
N ASN A 51 9.35 1.72 -3.03
CA ASN A 51 9.93 2.99 -2.62
C ASN A 51 10.21 3.96 -3.76
N ALA A 52 10.36 3.49 -5.00
CA ALA A 52 10.91 4.34 -6.05
C ALA A 52 9.95 5.42 -6.53
N MET A 53 8.68 5.38 -6.13
CA MET A 53 7.72 6.39 -6.56
C MET A 53 7.22 7.27 -5.42
N LYS A 54 7.79 7.13 -4.21
CA LYS A 54 7.37 8.01 -3.14
CA LYS A 54 7.44 8.00 -3.10
C LYS A 54 7.88 9.43 -3.40
N PRO A 55 7.25 10.44 -2.76
CA PRO A 55 7.62 11.84 -3.05
C PRO A 55 9.11 12.13 -2.89
N GLU A 56 9.74 11.65 -1.82
CA GLU A 56 11.17 11.90 -1.62
C GLU A 56 12.03 11.22 -2.68
N SER A 57 11.58 10.08 -3.21
CA SER A 57 12.34 9.43 -4.26
C SER A 57 12.27 10.21 -5.57
N LEU A 58 11.08 10.71 -5.92
CA LEU A 58 10.90 11.33 -7.24
C LEU A 58 11.37 12.77 -7.28
N GLN A 59 11.10 13.56 -6.25
CA GLN A 59 11.46 14.98 -6.26
C GLN A 59 12.14 15.36 -4.95
N PRO A 60 13.36 14.87 -4.72
CA PRO A 60 14.01 15.10 -3.42
C PRO A 60 14.39 16.56 -3.20
N ARG A 61 14.63 17.31 -4.28
CA ARG A 61 14.77 18.76 -4.21
C ARG A 61 13.81 19.34 -5.25
N GLU A 62 13.37 20.57 -5.02
CA GLU A 62 12.41 21.15 -5.95
C GLU A 62 13.02 21.22 -7.34
N GLY A 63 12.35 20.59 -8.31
CA GLY A 63 12.81 20.56 -9.67
C GLY A 63 13.91 19.56 -9.96
N GLU A 64 14.29 18.73 -8.99
CA GLU A 64 15.26 17.65 -9.21
C GLU A 64 14.46 16.36 -9.27
N TRP A 65 14.26 15.85 -10.48
CA TRP A 65 13.43 14.68 -10.69
C TRP A 65 14.29 13.45 -10.87
N ASN A 66 13.97 12.38 -10.16
CA ASN A 66 14.73 11.14 -10.18
C ASN A 66 13.81 10.03 -10.69
N TRP A 67 13.77 9.86 -12.01
CA TRP A 67 12.79 8.98 -12.65
C TRP A 67 13.30 7.57 -12.91
N GLU A 68 14.60 7.33 -12.82
CA GLU A 68 15.20 6.12 -13.37
CA GLU A 68 15.20 6.11 -13.37
C GLU A 68 14.59 4.86 -12.75
N GLY A 69 14.60 4.76 -11.42
CA GLY A 69 14.12 3.55 -10.79
C GLY A 69 12.64 3.30 -11.03
N ALA A 70 11.84 4.37 -10.93
CA ALA A 70 10.43 4.27 -11.23
C ALA A 70 10.20 3.83 -12.67
N ASP A 71 10.95 4.41 -13.61
CA ASP A 71 10.78 4.05 -15.02
C ASP A 71 11.08 2.58 -15.26
N LYS A 72 12.06 2.01 -14.55
CA LYS A 72 12.38 0.60 -14.72
C LYS A 72 11.23 -0.29 -14.29
N ILE A 73 10.53 0.12 -13.24
CA ILE A 73 9.36 -0.64 -12.81
C ILE A 73 8.24 -0.53 -13.84
N VAL A 74 8.00 0.68 -14.38
CA VAL A 74 7.02 0.84 -15.45
C VAL A 74 7.38 -0.03 -16.64
N GLU A 75 8.66 -0.04 -17.04
CA GLU A 75 9.05 -0.81 -18.22
CA GLU A 75 9.08 -0.83 -18.20
C GLU A 75 8.80 -2.30 -17.99
N PHE A 76 9.04 -2.80 -16.76
CA PHE A 76 8.79 -4.20 -16.44
C PHE A 76 7.30 -4.51 -16.49
N ALA A 77 6.46 -3.62 -15.93
CA ALA A 77 5.01 -3.82 -15.98
C ALA A 77 4.50 -3.85 -17.41
N ARG A 78 5.05 -3.00 -18.28
CA ARG A 78 4.65 -2.99 -19.69
C ARG A 78 5.02 -4.30 -20.37
N LYS A 79 6.25 -4.75 -20.16
CA LYS A 79 6.76 -5.89 -20.91
C LYS A 79 6.04 -7.17 -20.51
N HIS A 80 5.57 -7.28 -19.25
CA HIS A 80 5.01 -8.52 -18.74
C HIS A 80 3.52 -8.42 -18.43
N ASN A 81 2.85 -7.39 -18.94
CA ASN A 81 1.40 -7.25 -18.88
C ASN A 81 0.89 -7.26 -17.44
N MET A 82 1.52 -6.43 -16.60
CA MET A 82 1.13 -6.30 -15.21
CA MET A 82 1.13 -6.30 -15.21
C MET A 82 0.49 -4.94 -14.99
N GLU A 83 -0.65 -4.91 -14.31
CA GLU A 83 -1.18 -3.63 -13.87
C GLU A 83 -0.21 -3.00 -12.88
N LEU A 84 -0.31 -1.69 -12.72
CA LEU A 84 0.64 -0.96 -11.88
C LEU A 84 -0.12 0.01 -10.98
N ARG A 85 0.05 -0.13 -9.67
CA ARG A 85 -0.42 0.84 -8.69
C ARG A 85 0.69 1.88 -8.46
N PHE A 86 0.28 3.09 -8.09
CA PHE A 86 1.22 4.17 -7.76
C PHE A 86 1.23 4.46 -6.27
N HIS A 87 2.38 4.21 -5.62
CA HIS A 87 2.63 4.53 -4.21
C HIS A 87 3.75 5.56 -4.18
N THR A 88 3.46 6.83 -3.82
CA THR A 88 2.16 7.42 -3.48
C THR A 88 2.32 8.92 -3.76
N LEU A 89 1.25 9.65 -4.05
CA LEU A 89 1.42 11.05 -4.46
C LEU A 89 1.67 11.98 -3.26
N VAL A 90 0.98 11.76 -2.14
CA VAL A 90 1.04 12.68 -1.00
C VAL A 90 1.06 11.86 0.30
N TRP A 91 2.03 12.13 1.17
CA TRP A 91 2.26 11.32 2.36
C TRP A 91 3.09 12.14 3.35
N HIS A 92 2.82 11.97 4.64
CA HIS A 92 3.55 12.69 5.68
C HIS A 92 4.92 12.09 5.96
N GLU A 93 5.13 10.83 5.60
CA GLU A 93 6.43 10.21 5.67
C GLU A 93 7.09 10.28 4.30
N GLN A 94 8.42 10.18 4.30
CA GLN A 94 9.19 10.09 3.07
C GLN A 94 8.84 11.25 2.13
N VAL A 95 8.81 12.45 2.70
CA VAL A 95 8.45 13.67 1.97
C VAL A 95 9.57 14.68 2.17
N PRO A 96 10.10 15.25 1.10
CA PRO A 96 11.24 16.16 1.26
C PRO A 96 10.87 17.44 2.02
N GLU A 97 11.80 17.89 2.85
CA GLU A 97 11.53 19.03 3.72
CA GLU A 97 11.57 19.04 3.72
C GLU A 97 11.26 20.31 2.93
N TRP A 98 11.78 20.41 1.70
CA TRP A 98 11.65 21.67 0.96
C TRP A 98 10.20 22.07 0.72
N PHE A 99 9.27 21.11 0.69
CA PHE A 99 7.85 21.44 0.47
C PHE A 99 7.35 22.46 1.48
N PHE A 100 7.83 22.39 2.73
CA PHE A 100 7.25 23.12 3.83
C PHE A 100 8.13 24.29 4.28
N ILE A 101 8.98 24.78 3.39
CA ILE A 101 9.86 25.92 3.65
C ILE A 101 9.43 27.06 2.74
N ASP A 102 9.22 28.24 3.31
CA ASP A 102 8.74 29.35 2.49
C ASP A 102 9.92 29.95 1.69
N GLU A 103 9.61 30.96 0.87
CA GLU A 103 10.63 31.52 -0.03
C GLU A 103 11.71 32.31 0.69
N ASP A 104 11.57 32.52 2.01
CA ASP A 104 12.61 33.15 2.81
C ASP A 104 13.44 32.15 3.59
N GLY A 105 13.18 30.85 3.43
CA GLY A 105 13.88 29.83 4.19
C GLY A 105 13.29 29.50 5.54
N ASN A 106 12.11 30.00 5.86
CA ASN A 106 11.49 29.77 7.14
C ASN A 106 10.55 28.57 7.09
N ARG A 107 10.33 27.94 8.25
CA ARG A 107 9.47 26.77 8.33
C ARG A 107 8.01 27.19 8.40
N MET A 108 7.22 26.79 7.41
CA MET A 108 5.81 27.16 7.38
C MET A 108 5.07 26.73 8.64
N VAL A 109 5.42 25.57 9.22
CA VAL A 109 4.66 25.11 10.37
C VAL A 109 4.83 26.03 11.57
N ASP A 110 5.92 26.79 11.62
CA ASP A 110 6.20 27.69 12.74
C ASP A 110 5.67 29.10 12.52
N GLU A 111 5.11 29.40 11.36
CA GLU A 111 4.67 30.75 11.07
C GLU A 111 3.50 31.13 11.99
N THR A 112 3.52 32.37 12.49
CA THR A 112 2.44 32.85 13.34
C THR A 112 1.59 33.94 12.71
N ASP A 113 2.10 34.68 11.74
CA ASP A 113 1.32 35.74 11.10
C ASP A 113 0.19 35.15 10.27
N PRO A 114 -1.07 35.50 10.53
CA PRO A 114 -2.17 34.90 9.75
C PRO A 114 -2.06 35.11 8.25
N ASP A 115 -1.57 36.27 7.82
CA ASP A 115 -1.49 36.53 6.38
C ASP A 115 -0.38 35.70 5.74
N LYS A 116 0.75 35.54 6.41
CA LYS A 116 1.79 34.67 5.86
C LYS A 116 1.38 33.21 5.87
N ARG A 117 0.56 32.81 6.84
N ARG A 117 0.53 32.81 6.84
CA ARG A 117 0.03 31.45 6.86
CA ARG A 117 0.04 31.44 6.85
C ARG A 117 -0.80 31.18 5.61
C ARG A 117 -0.85 31.14 5.64
N GLU A 118 -1.63 32.13 5.21
CA GLU A 118 -2.45 31.93 4.01
C GLU A 118 -1.58 31.88 2.76
N ALA A 119 -0.55 32.72 2.71
CA ALA A 119 0.40 32.65 1.60
C ALA A 119 1.12 31.30 1.57
N ASN A 120 1.52 30.80 2.74
CA ASN A 120 2.15 29.49 2.79
C ASN A 120 1.20 28.40 2.31
N LYS A 121 -0.07 28.48 2.69
CA LYS A 121 -1.02 27.47 2.25
C LYS A 121 -1.14 27.45 0.73
N GLN A 122 -1.22 28.62 0.10
CA GLN A 122 -1.32 28.64 -1.34
CA GLN A 122 -1.30 28.70 -1.35
C GLN A 122 -0.03 28.17 -2.01
N LEU A 123 1.13 28.53 -1.45
CA LEU A 123 2.40 28.09 -2.03
C LEU A 123 2.56 26.57 -1.90
N LEU A 124 2.25 26.03 -0.73
CA LEU A 124 2.36 24.59 -0.54
C LEU A 124 1.42 23.85 -1.47
N LEU A 125 0.18 24.35 -1.62
CA LEU A 125 -0.75 23.66 -2.51
C LEU A 125 -0.27 23.71 -3.96
N GLU A 126 0.31 24.85 -4.37
CA GLU A 126 0.85 24.92 -5.73
C GLU A 126 1.99 23.93 -5.92
N ARG A 127 2.84 23.77 -4.91
CA ARG A 127 3.93 22.80 -5.00
C ARG A 127 3.39 21.39 -5.07
N MET A 128 2.39 21.08 -4.25
CA MET A 128 1.76 19.76 -4.30
C MET A 128 1.10 19.52 -5.64
N GLU A 129 0.36 20.51 -6.16
CA GLU A 129 -0.24 20.40 -7.49
C GLU A 129 0.80 20.12 -8.56
N ASN A 130 1.94 20.82 -8.52
CA ASN A 130 2.94 20.63 -9.56
C ASN A 130 3.58 19.25 -9.45
N HIS A 131 3.77 18.76 -8.22
CA HIS A 131 4.27 17.41 -8.06
C HIS A 131 3.33 16.40 -8.69
N ILE A 132 2.04 16.51 -8.36
CA ILE A 132 1.03 15.59 -8.89
C ILE A 132 0.94 15.71 -10.40
N LYS A 133 0.90 16.94 -10.92
CA LYS A 133 0.79 17.14 -12.36
C LYS A 133 1.94 16.46 -13.10
N THR A 134 3.17 16.69 -12.64
CA THR A 134 4.33 16.16 -13.34
C THR A 134 4.33 14.64 -13.33
N VAL A 135 4.05 14.03 -12.17
CA VAL A 135 4.07 12.57 -12.05
C VAL A 135 2.95 11.95 -12.86
N VAL A 136 1.74 12.50 -12.73
CA VAL A 136 0.59 11.93 -13.42
C VAL A 136 0.72 12.10 -14.93
N GLU A 137 1.21 13.25 -15.39
CA GLU A 137 1.41 13.41 -16.82
C GLU A 137 2.43 12.41 -17.36
N ARG A 138 3.46 12.08 -16.57
CA ARG A 138 4.45 11.11 -17.04
C ARG A 138 3.89 9.69 -17.07
N TYR A 139 3.09 9.30 -16.07
CA TYR A 139 2.74 7.89 -15.89
C TYR A 139 1.26 7.59 -16.10
N LYS A 140 0.46 8.56 -16.57
CA LYS A 140 -0.99 8.40 -16.68
C LYS A 140 -1.39 7.08 -17.33
N ASP A 141 -0.79 6.74 -18.47
CA ASP A 141 -1.22 5.58 -19.22
C ASP A 141 -0.62 4.29 -18.72
N ASP A 142 0.24 4.35 -17.71
CA ASP A 142 0.83 3.15 -17.13
C ASP A 142 0.29 2.79 -15.76
N VAL A 143 -0.40 3.70 -15.09
CA VAL A 143 -0.93 3.47 -13.75
C VAL A 143 -2.43 3.25 -13.86
N THR A 144 -2.93 2.22 -13.18
CA THR A 144 -4.37 1.99 -13.12
C THR A 144 -4.96 2.17 -11.73
N SER A 145 -4.13 2.40 -10.71
CA SER A 145 -4.62 2.75 -9.38
C SER A 145 -3.65 3.72 -8.75
N TRP A 146 -4.10 4.92 -8.39
CA TRP A 146 -3.27 5.94 -7.77
C TRP A 146 -3.56 5.99 -6.28
N ASP A 147 -2.53 5.82 -5.43
CA ASP A 147 -2.67 6.20 -4.03
C ASP A 147 -2.42 7.70 -3.97
N VAL A 148 -3.51 8.46 -4.04
CA VAL A 148 -3.39 9.92 -4.14
C VAL A 148 -2.93 10.50 -2.81
N VAL A 149 -3.58 10.09 -1.71
CA VAL A 149 -3.12 10.43 -0.37
C VAL A 149 -2.97 9.14 0.42
N ASN A 150 -2.04 9.17 1.37
CA ASN A 150 -1.64 8.01 2.16
C ASN A 150 -1.64 8.41 3.62
N GLU A 151 -2.34 7.60 4.44
CA GLU A 151 -2.25 7.66 5.90
C GLU A 151 -2.64 9.04 6.46
N VAL A 152 -3.78 9.56 5.99
CA VAL A 152 -4.22 10.88 6.43
C VAL A 152 -5.10 10.85 7.67
N ILE A 153 -5.47 9.66 8.17
CA ILE A 153 -6.30 9.52 9.36
C ILE A 153 -5.41 9.22 10.55
N ASP A 154 -5.67 9.87 11.69
CA ASP A 154 -4.90 9.59 12.89
C ASP A 154 -5.40 8.35 13.62
N ASP A 155 -4.45 7.58 14.15
CA ASP A 155 -4.80 6.37 14.91
C ASP A 155 -5.60 6.72 16.16
N GLY A 156 -5.44 7.92 16.70
CA GLY A 156 -6.13 8.34 17.89
C GLY A 156 -7.44 9.06 17.64
N GLY A 157 -7.90 9.12 16.40
CA GLY A 157 -9.14 9.77 16.05
C GLY A 157 -8.88 11.04 15.25
N GLY A 158 -9.74 11.30 14.28
CA GLY A 158 -9.63 12.51 13.49
C GLY A 158 -8.53 12.42 12.45
N LEU A 159 -8.22 13.59 11.87
CA LEU A 159 -7.19 13.67 10.84
C LEU A 159 -5.79 13.73 11.46
N ARG A 160 -4.84 13.10 10.78
CA ARG A 160 -3.45 13.16 11.20
C ARG A 160 -2.92 14.58 11.07
N GLU A 161 -2.33 15.10 12.14
CA GLU A 161 -1.88 16.49 12.17
C GLU A 161 -0.45 16.60 11.65
N SER A 162 -0.26 16.11 10.43
CA SER A 162 1.00 16.23 9.72
C SER A 162 1.20 17.68 9.28
N GLU A 163 2.38 17.94 8.71
CA GLU A 163 2.64 19.27 8.17
CA GLU A 163 2.64 19.28 8.18
C GLU A 163 1.61 19.64 7.11
N TRP A 164 1.18 18.65 6.30
CA TRP A 164 0.16 18.92 5.30
C TRP A 164 -1.10 19.48 5.92
N TYR A 165 -1.57 18.85 7.00
CA TYR A 165 -2.79 19.29 7.67
C TYR A 165 -2.57 20.59 8.43
N GLN A 166 -1.42 20.73 9.09
CA GLN A 166 -1.14 21.95 9.85
C GLN A 166 -1.15 23.18 8.95
N ILE A 167 -0.66 23.05 7.72
CA ILE A 167 -0.54 24.21 6.86
C ILE A 167 -1.78 24.43 6.01
N THR A 168 -2.46 23.35 5.59
CA THR A 168 -3.56 23.47 4.64
C THR A 168 -4.91 22.97 5.15
N GLY A 169 -4.98 22.43 6.36
CA GLY A 169 -6.21 21.80 6.78
C GLY A 169 -6.49 20.56 5.96
N THR A 170 -7.77 20.32 5.66
CA THR A 170 -8.13 19.21 4.78
C THR A 170 -7.99 19.56 3.30
N ASP A 171 -7.65 20.81 2.97
CA ASP A 171 -7.62 21.20 1.57
C ASP A 171 -6.56 20.44 0.78
N TYR A 172 -5.46 20.00 1.41
CA TYR A 172 -4.49 19.25 0.63
C TYR A 172 -5.09 17.96 0.09
N ILE A 173 -6.02 17.34 0.84
CA ILE A 173 -6.65 16.12 0.38
C ILE A 173 -7.57 16.41 -0.78
N LYS A 174 -8.43 17.42 -0.63
CA LYS A 174 -9.35 17.81 -1.70
CA LYS A 174 -9.35 17.81 -1.70
CA LYS A 174 -9.35 17.82 -1.70
C LYS A 174 -8.59 18.15 -2.97
N VAL A 175 -7.58 19.02 -2.86
CA VAL A 175 -6.83 19.47 -4.02
C VAL A 175 -6.04 18.32 -4.65
N ALA A 176 -5.51 17.40 -3.83
CA ALA A 176 -4.74 16.29 -4.40
C ALA A 176 -5.61 15.42 -5.31
N PHE A 177 -6.84 15.09 -4.87
CA PHE A 177 -7.73 14.29 -5.69
C PHE A 177 -8.17 15.06 -6.93
N GLU A 178 -8.54 16.33 -6.76
CA GLU A 178 -8.97 17.11 -7.92
C GLU A 178 -7.84 17.24 -8.93
N THR A 179 -6.61 17.37 -8.46
CA THR A 179 -5.49 17.54 -9.38
C THR A 179 -5.16 16.24 -10.10
N ALA A 180 -5.21 15.12 -9.36
CA ALA A 180 -5.01 13.80 -9.98
C ALA A 180 -6.06 13.52 -11.04
N ARG A 181 -7.33 13.87 -10.76
CA ARG A 181 -8.38 13.70 -11.76
C ARG A 181 -8.15 14.59 -12.97
N LYS A 182 -7.74 15.84 -12.74
CA LYS A 182 -7.55 16.78 -13.84
C LYS A 182 -6.51 16.28 -14.84
N TYR A 183 -5.37 15.76 -14.35
CA TYR A 183 -4.32 15.33 -15.25
C TYR A 183 -4.37 13.84 -15.59
N GLY A 184 -5.05 13.04 -14.79
CA GLY A 184 -5.21 11.63 -15.12
C GLY A 184 -6.39 11.36 -16.03
N GLY A 185 -7.33 12.30 -16.09
CA GLY A 185 -8.56 12.12 -16.83
C GLY A 185 -9.58 11.32 -16.03
N GLU A 186 -10.80 11.30 -16.56
CA GLU A 186 -11.88 10.56 -15.90
C GLU A 186 -11.57 9.07 -15.77
N GLU A 187 -10.69 8.54 -16.64
CA GLU A 187 -10.31 7.13 -16.63
CA GLU A 187 -10.39 7.12 -16.58
C GLU A 187 -9.44 6.75 -15.44
N ALA A 188 -8.77 7.72 -14.82
CA ALA A 188 -7.85 7.41 -13.75
C ALA A 188 -8.61 6.95 -12.50
N LYS A 189 -8.07 5.94 -11.82
CA LYS A 189 -8.73 5.41 -10.63
C LYS A 189 -7.97 5.88 -9.40
N LEU A 190 -8.65 6.65 -8.55
CA LEU A 190 -8.01 7.40 -7.48
C LEU A 190 -8.37 6.80 -6.12
N TYR A 191 -7.34 6.48 -5.33
CA TYR A 191 -7.50 5.78 -4.05
C TYR A 191 -6.98 6.63 -2.89
N ILE A 192 -7.63 6.45 -1.74
CA ILE A 192 -7.09 6.87 -0.45
C ILE A 192 -6.63 5.61 0.25
N ASN A 193 -5.37 5.59 0.71
CA ASN A 193 -4.73 4.40 1.25
C ASN A 193 -4.46 4.61 2.73
N ASP A 194 -4.64 3.56 3.54
CA ASP A 194 -4.33 3.67 4.96
C ASP A 194 -4.14 2.28 5.55
N TYR A 195 -3.55 2.25 6.74
CA TYR A 195 -3.41 1.01 7.52
C TYR A 195 -4.39 1.03 8.68
N ASN A 196 -4.60 -0.16 9.27
CA ASN A 196 -5.56 -0.35 10.36
C ASN A 196 -6.96 0.10 9.97
N THR A 197 -7.29 -0.03 8.68
CA THR A 197 -8.63 0.28 8.19
C THR A 197 -9.67 -0.69 8.74
N GLU A 198 -9.25 -1.79 9.36
CA GLU A 198 -10.15 -2.75 9.99
C GLU A 198 -10.52 -2.36 11.42
N VAL A 199 -9.78 -1.45 12.04
CA VAL A 199 -10.09 -0.97 13.39
C VAL A 199 -11.36 -0.13 13.28
N PRO A 200 -12.46 -0.50 13.95
CA PRO A 200 -13.74 0.20 13.73
C PRO A 200 -13.66 1.72 13.87
N SER A 201 -12.97 2.24 14.87
CA SER A 201 -12.91 3.69 15.05
C SER A 201 -12.19 4.37 13.89
N LYS A 202 -11.11 3.77 13.40
CA LYS A 202 -10.38 4.35 12.28
C LYS A 202 -11.13 4.16 10.96
N ARG A 203 -11.69 2.97 10.76
CA ARG A 203 -12.59 2.73 9.64
C ARG A 203 -13.66 3.81 9.56
N ASP A 204 -14.27 4.15 10.70
CA ASP A 204 -15.35 5.12 10.71
C ASP A 204 -14.85 6.53 10.39
N ASP A 205 -13.69 6.91 10.92
CA ASP A 205 -13.12 8.22 10.59
C ASP A 205 -12.81 8.32 9.10
N LEU A 206 -12.25 7.25 8.52
CA LEU A 206 -11.95 7.26 7.09
C LEU A 206 -13.22 7.34 6.27
N TYR A 207 -14.24 6.55 6.66
CA TYR A 207 -15.54 6.59 6.00
C TYR A 207 -16.16 7.99 6.05
N ASN A 208 -16.12 8.62 7.22
CA ASN A 208 -16.73 9.95 7.35
C ASN A 208 -15.99 10.97 6.49
N LEU A 209 -14.66 10.89 6.45
CA LEU A 209 -13.89 11.80 5.60
C LEU A 209 -14.23 11.61 4.13
N VAL A 210 -14.19 10.37 3.65
CA VAL A 210 -14.46 10.11 2.25
C VAL A 210 -15.89 10.48 1.88
N LYS A 211 -16.86 10.15 2.75
CA LYS A 211 -18.25 10.48 2.46
C LYS A 211 -18.44 11.98 2.37
N ASP A 212 -17.84 12.74 3.29
CA ASP A 212 -17.94 14.20 3.20
C ASP A 212 -17.30 14.71 1.91
N LEU A 213 -16.16 14.15 1.52
CA LEU A 213 -15.49 14.61 0.31
C LEU A 213 -16.29 14.26 -0.93
N LEU A 214 -16.85 13.05 -0.98
CA LEU A 214 -17.71 12.68 -2.12
C LEU A 214 -18.89 13.62 -2.22
N GLU A 215 -19.47 14.02 -1.09
CA GLU A 215 -20.62 14.92 -1.11
C GLU A 215 -20.25 16.30 -1.62
N GLN A 216 -18.97 16.68 -1.54
CA GLN A 216 -18.49 17.94 -2.12
C GLN A 216 -18.01 17.77 -3.55
N GLY A 217 -18.17 16.58 -4.14
CA GLY A 217 -17.76 16.35 -5.50
C GLY A 217 -16.30 16.03 -5.68
N VAL A 218 -15.59 15.73 -4.61
CA VAL A 218 -14.18 15.34 -4.74
C VAL A 218 -14.11 13.96 -5.39
N PRO A 219 -13.30 13.78 -6.43
CA PRO A 219 -13.29 12.48 -7.12
C PRO A 219 -12.45 11.44 -6.39
N ILE A 220 -13.10 10.51 -5.72
CA ILE A 220 -12.44 9.41 -5.03
C ILE A 220 -13.10 8.11 -5.50
N ASP A 221 -12.29 7.19 -6.01
CA ASP A 221 -12.83 5.96 -6.58
C ASP A 221 -12.71 4.74 -5.68
N GLY A 222 -11.79 4.75 -4.72
CA GLY A 222 -11.66 3.55 -3.90
C GLY A 222 -10.82 3.80 -2.67
N VAL A 223 -10.72 2.74 -1.87
CA VAL A 223 -9.99 2.77 -0.61
C VAL A 223 -8.94 1.67 -0.66
N GLY A 224 -7.71 2.03 -0.32
CA GLY A 224 -6.63 1.05 -0.16
C GLY A 224 -6.52 0.64 1.30
N HIS A 225 -6.54 -0.67 1.52
CA HIS A 225 -6.37 -1.26 2.84
C HIS A 225 -4.98 -1.88 2.89
N GLN A 226 -4.05 -1.21 3.59
CA GLN A 226 -2.66 -1.70 3.61
C GLN A 226 -2.59 -3.13 4.11
N SER A 227 -3.37 -3.48 5.14
CA SER A 227 -3.47 -4.85 5.64
CA SER A 227 -3.46 -4.84 5.63
C SER A 227 -2.11 -5.35 6.14
N HIS A 228 -1.48 -4.55 6.99
CA HIS A 228 -0.29 -4.98 7.74
C HIS A 228 -0.81 -5.71 8.96
N ILE A 229 -1.00 -7.03 8.81
CA ILE A 229 -1.75 -7.81 9.80
C ILE A 229 -0.85 -8.81 10.52
N GLN A 230 -1.47 -9.58 11.42
CA GLN A 230 -0.81 -10.57 12.25
C GLN A 230 -1.57 -11.88 12.13
N ILE A 231 -1.06 -12.92 12.80
CA ILE A 231 -1.70 -14.22 12.71
C ILE A 231 -3.03 -14.21 13.47
N GLY A 232 -3.15 -13.38 14.51
CA GLY A 232 -4.36 -13.39 15.31
C GLY A 232 -5.15 -12.09 15.31
N TRP A 233 -4.80 -11.15 14.42
CA TRP A 233 -5.41 -9.83 14.45
C TRP A 233 -5.14 -9.17 13.11
N PRO A 234 -6.08 -8.38 12.56
CA PRO A 234 -7.44 -8.11 13.05
C PRO A 234 -8.38 -9.27 12.71
N SER A 235 -9.61 -9.20 13.22
CA SER A 235 -10.56 -10.28 12.99
C SER A 235 -11.05 -10.27 11.54
N ILE A 236 -11.48 -11.45 11.07
CA ILE A 236 -12.12 -11.53 9.77
C ILE A 236 -13.39 -10.70 9.75
N GLU A 237 -14.13 -10.72 10.86
CA GLU A 237 -15.37 -9.97 10.97
CA GLU A 237 -15.38 -9.96 10.96
C GLU A 237 -15.14 -8.47 10.77
N ASP A 238 -14.11 -7.92 11.42
CA ASP A 238 -13.82 -6.50 11.28
C ASP A 238 -13.31 -6.17 9.89
N THR A 239 -12.51 -7.07 9.29
CA THR A 239 -12.07 -6.88 7.91
C THR A 239 -13.26 -6.83 6.96
N ARG A 240 -14.18 -7.80 7.10
CA ARG A 240 -15.38 -7.83 6.29
C ARG A 240 -16.18 -6.54 6.42
N ALA A 241 -16.39 -6.09 7.66
CA ALA A 241 -17.18 -4.88 7.88
C ALA A 241 -16.54 -3.67 7.23
N SER A 242 -15.21 -3.59 7.25
CA SER A 242 -14.55 -2.42 6.67
C SER A 242 -14.72 -2.40 5.15
N PHE A 243 -14.44 -3.51 4.48
CA PHE A 243 -14.65 -3.58 3.03
C PHE A 243 -16.08 -3.18 2.69
N GLU A 244 -17.06 -3.73 3.40
CA GLU A 244 -18.45 -3.45 3.06
C GLU A 244 -18.83 -2.00 3.32
N LYS A 245 -18.23 -1.37 4.33
CA LYS A 245 -18.58 0.02 4.60
C LYS A 245 -18.17 0.91 3.43
N PHE A 246 -17.02 0.64 2.83
CA PHE A 246 -16.61 1.50 1.72
C PHE A 246 -17.33 1.12 0.43
N THR A 247 -17.63 -0.17 0.24
CA THR A 247 -18.51 -0.56 -0.87
C THR A 247 -19.84 0.19 -0.80
N SER A 248 -20.32 0.47 0.42
CA SER A 248 -21.62 1.14 0.54
C SER A 248 -21.59 2.58 0.03
N LEU A 249 -20.40 3.16 -0.16
CA LEU A 249 -20.26 4.48 -0.76
C LEU A 249 -20.00 4.41 -2.25
N GLY A 250 -20.08 3.23 -2.86
CA GLY A 250 -19.77 3.09 -4.26
C GLY A 250 -18.29 3.00 -4.58
N LEU A 251 -17.46 2.70 -3.58
CA LEU A 251 -16.01 2.69 -3.72
C LEU A 251 -15.50 1.28 -3.96
N ASP A 252 -14.47 1.18 -4.79
CA ASP A 252 -13.67 -0.04 -4.90
C ASP A 252 -12.85 -0.22 -3.63
N ASN A 253 -12.50 -1.47 -3.32
CA ASN A 253 -11.50 -1.78 -2.30
C ASN A 253 -10.31 -2.45 -2.94
N GLN A 254 -9.11 -2.12 -2.47
CA GLN A 254 -7.93 -2.89 -2.80
C GLN A 254 -7.18 -3.20 -1.52
N VAL A 255 -6.61 -4.39 -1.46
CA VAL A 255 -5.64 -4.72 -0.42
C VAL A 255 -4.28 -4.37 -0.98
N THR A 256 -3.58 -3.43 -0.32
CA THR A 256 -2.46 -2.77 -0.99
C THR A 256 -1.08 -3.15 -0.47
N GLU A 257 -0.93 -3.58 0.79
CA GLU A 257 0.41 -3.80 1.34
C GLU A 257 0.41 -5.03 2.24
N LEU A 258 -0.24 -6.10 1.80
CA LEU A 258 -0.48 -7.25 2.64
C LEU A 258 0.83 -7.91 3.10
N ASP A 259 0.94 -8.09 4.41
CA ASP A 259 1.95 -8.98 4.97
C ASP A 259 1.43 -9.46 6.31
N MET A 260 1.82 -10.68 6.68
CA MET A 260 1.32 -11.30 7.92
C MET A 260 2.50 -11.63 8.82
N SER A 261 2.76 -10.74 9.77
CA SER A 261 3.89 -10.89 10.67
C SER A 261 3.73 -12.14 11.53
N LEU A 262 4.87 -12.73 11.89
CA LEU A 262 4.90 -13.84 12.84
C LEU A 262 4.58 -13.39 14.26
N TYR A 263 4.57 -12.09 14.52
CA TYR A 263 4.58 -11.56 15.88
C TYR A 263 3.37 -10.69 16.13
N GLY A 264 3.20 -10.30 17.39
CA GLY A 264 2.24 -9.29 17.77
C GLY A 264 2.81 -7.92 17.62
N TRP A 265 2.23 -6.95 18.34
CA TRP A 265 2.76 -5.61 18.35
C TRP A 265 3.01 -5.18 19.79
N PRO A 266 4.22 -4.71 20.13
CA PRO A 266 5.38 -4.63 19.23
C PRO A 266 5.96 -6.02 18.96
N PRO A 267 6.72 -6.18 17.86
CA PRO A 267 7.26 -7.50 17.53
C PRO A 267 8.41 -7.91 18.45
N THR A 268 8.18 -7.82 19.76
CA THR A 268 9.17 -8.23 20.74
C THR A 268 9.42 -9.73 20.66
N GLY A 269 10.61 -10.13 21.07
CA GLY A 269 10.96 -11.54 21.08
C GLY A 269 11.01 -12.17 19.70
N ALA A 270 11.51 -11.45 18.72
CA ALA A 270 11.58 -11.98 17.36
C ALA A 270 12.66 -13.06 17.24
N TYR A 271 12.43 -13.99 16.32
CA TYR A 271 13.46 -14.96 15.99
C TYR A 271 14.61 -14.28 15.25
N THR A 272 15.83 -14.74 15.50
CA THR A 272 16.98 -14.12 14.86
C THR A 272 17.48 -14.92 13.66
N SER A 273 16.93 -16.10 13.42
CA SER A 273 17.24 -16.88 12.23
C SER A 273 15.97 -17.57 11.78
N TYR A 274 15.87 -17.79 10.47
CA TYR A 274 14.68 -18.45 9.93
C TYR A 274 14.58 -19.88 10.42
N ASP A 275 15.73 -20.53 10.70
CA ASP A 275 15.73 -21.91 11.16
C ASP A 275 15.14 -22.07 12.55
N ASP A 276 15.01 -20.99 13.30
CA ASP A 276 14.40 -21.04 14.63
C ASP A 276 12.89 -20.87 14.61
N ILE A 277 12.28 -20.57 13.47
CA ILE A 277 10.83 -20.40 13.43
C ILE A 277 10.18 -21.76 13.57
N PRO A 278 9.32 -21.97 14.57
CA PRO A 278 8.70 -23.29 14.73
C PRO A 278 7.69 -23.59 13.63
N ALA A 279 7.63 -24.86 13.23
CA ALA A 279 6.73 -25.28 12.17
C ALA A 279 5.29 -24.97 12.51
N GLU A 280 4.92 -25.11 13.78
CA GLU A 280 3.55 -24.82 14.18
CA GLU A 280 3.55 -24.82 14.20
C GLU A 280 3.18 -23.36 13.96
N LEU A 281 4.14 -22.45 14.02
CA LEU A 281 3.84 -21.04 13.75
C LEU A 281 3.56 -20.82 12.27
N LEU A 282 4.36 -21.45 11.40
CA LEU A 282 4.08 -21.36 9.97
C LEU A 282 2.75 -22.03 9.62
N GLN A 283 2.37 -23.07 10.35
CA GLN A 283 1.06 -23.66 10.16
C GLN A 283 -0.05 -22.70 10.58
N ALA A 284 0.14 -22.00 11.71
CA ALA A 284 -0.87 -21.01 12.12
C ALA A 284 -1.00 -19.89 11.09
N GLN A 285 0.13 -19.46 10.52
CA GLN A 285 0.10 -18.47 9.45
C GLN A 285 -0.67 -18.99 8.24
N ALA A 286 -0.47 -20.27 7.90
CA ALA A 286 -1.18 -20.88 6.78
C ALA A 286 -2.68 -20.94 7.03
N ASP A 287 -3.08 -21.35 8.24
CA ASP A 287 -4.50 -21.35 8.59
C ASP A 287 -5.10 -19.96 8.44
N ARG A 288 -4.38 -18.94 8.92
CA ARG A 288 -4.92 -17.58 8.85
C ARG A 288 -5.00 -17.09 7.41
N TYR A 289 -3.95 -17.35 6.61
CA TYR A 289 -4.01 -16.93 5.22
C TYR A 289 -5.15 -17.63 4.49
N ASP A 290 -5.41 -18.90 4.82
CA ASP A 290 -6.56 -19.59 4.23
C ASP A 290 -7.84 -18.83 4.48
N GLN A 291 -8.12 -18.49 5.74
CA GLN A 291 -9.35 -17.79 6.11
CA GLN A 291 -9.38 -17.82 6.03
C GLN A 291 -9.42 -16.41 5.48
N LEU A 292 -8.27 -15.73 5.41
CA LEU A 292 -8.22 -14.41 4.81
C LEU A 292 -8.60 -14.45 3.33
N PHE A 293 -8.00 -15.36 2.57
CA PHE A 293 -8.32 -15.42 1.15
C PHE A 293 -9.68 -16.02 0.88
N GLU A 294 -10.22 -16.83 1.80
CA GLU A 294 -11.63 -17.22 1.70
C GLU A 294 -12.53 -16.00 1.85
N LEU A 295 -12.19 -15.09 2.76
CA LEU A 295 -12.95 -13.84 2.87
C LEU A 295 -12.84 -13.01 1.60
N TYR A 296 -11.62 -12.85 1.08
CA TYR A 296 -11.44 -12.10 -0.15
C TYR A 296 -12.28 -12.67 -1.28
N GLU A 297 -12.35 -14.01 -1.36
CA GLU A 297 -13.18 -14.64 -2.37
C GLU A 297 -14.65 -14.28 -2.18
N GLU A 298 -15.15 -14.31 -0.95
N GLU A 298 -15.14 -14.38 -0.94
CA GLU A 298 -16.57 -14.01 -0.77
CA GLU A 298 -16.51 -13.99 -0.60
C GLU A 298 -16.88 -12.54 -1.05
C GLU A 298 -16.82 -12.59 -1.11
N LEU A 299 -15.89 -11.66 -0.90
CA LEU A 299 -16.06 -10.25 -1.26
C LEU A 299 -15.39 -9.90 -2.59
N ALA A 300 -15.19 -10.87 -3.48
CA ALA A 300 -14.42 -10.60 -4.69
C ALA A 300 -15.06 -9.50 -5.54
N ALA A 301 -16.40 -9.37 -5.52
CA ALA A 301 -17.01 -8.27 -6.26
C ALA A 301 -16.59 -6.90 -5.72
N ASP A 302 -16.15 -6.84 -4.46
CA ASP A 302 -15.79 -5.60 -3.79
C ASP A 302 -14.31 -5.29 -3.85
N ILE A 303 -13.49 -6.20 -4.38
CA ILE A 303 -12.03 -6.11 -4.28
C ILE A 303 -11.44 -6.32 -5.67
N SER A 304 -10.76 -5.30 -6.18
CA SER A 304 -10.16 -5.46 -7.51
C SER A 304 -8.76 -6.06 -7.50
N SER A 305 -8.01 -5.90 -6.42
N SER A 305 -8.04 -5.95 -6.39
CA SER A 305 -6.66 -6.44 -6.41
CA SER A 305 -6.63 -6.30 -6.39
C SER A 305 -6.18 -6.61 -4.98
C SER A 305 -6.18 -6.59 -4.95
N VAL A 306 -5.32 -7.60 -4.81
CA VAL A 306 -4.71 -7.93 -3.51
C VAL A 306 -3.20 -7.93 -3.75
N THR A 307 -2.50 -6.98 -3.15
CA THR A 307 -1.06 -6.80 -3.33
C THR A 307 -0.33 -7.09 -2.02
N PHE A 308 0.69 -7.95 -2.11
CA PHE A 308 1.59 -8.23 -0.99
C PHE A 308 2.68 -7.17 -0.98
N TRP A 309 3.13 -6.78 0.23
CA TRP A 309 4.19 -5.79 0.34
C TRP A 309 5.57 -6.45 0.24
N GLY A 310 5.75 -7.19 -0.83
CA GLY A 310 6.99 -7.93 -1.07
C GLY A 310 6.69 -9.21 -1.83
N ILE A 311 7.76 -9.97 -2.08
CA ILE A 311 7.71 -11.19 -2.89
C ILE A 311 7.92 -12.40 -1.99
N ALA A 312 9.13 -12.55 -1.47
CA ALA A 312 9.49 -13.65 -0.59
C ALA A 312 10.11 -13.08 0.69
N ASP A 313 10.21 -13.95 1.69
CA ASP A 313 10.57 -13.52 3.05
C ASP A 313 11.97 -12.92 3.15
N ASN A 314 12.81 -13.08 2.13
CA ASN A 314 14.16 -12.51 2.19
C ASN A 314 14.18 -11.00 1.99
N HIS A 315 13.05 -10.37 1.65
CA HIS A 315 13.00 -8.91 1.55
C HIS A 315 11.64 -8.44 2.06
N THR A 316 11.63 -7.84 3.24
CA THR A 316 10.41 -7.28 3.80
C THR A 316 10.78 -6.22 4.84
N TRP A 317 10.06 -5.10 4.81
CA TRP A 317 10.25 -4.05 5.81
C TRP A 317 10.01 -4.57 7.23
N LEU A 318 9.35 -5.71 7.38
CA LEU A 318 9.13 -6.26 8.71
C LEU A 318 10.43 -6.76 9.33
N ASP A 319 11.45 -7.06 8.53
CA ASP A 319 12.75 -7.38 9.09
C ASP A 319 13.32 -6.17 9.84
N GLY A 320 13.27 -4.99 9.21
CA GLY A 320 13.73 -3.80 9.88
C GLY A 320 12.91 -3.47 11.11
N ARG A 321 11.60 -3.73 11.05
CA ARG A 321 10.75 -3.49 12.22
C ARG A 321 11.12 -4.42 13.37
N ALA A 322 11.39 -5.69 13.06
CA ALA A 322 11.84 -6.62 14.09
C ALA A 322 13.13 -6.13 14.74
N ARG A 323 14.09 -5.67 13.93
CA ARG A 323 15.36 -5.18 14.49
C ARG A 323 15.15 -3.94 15.35
N GLU A 324 14.18 -3.10 15.00
CA GLU A 324 13.93 -1.89 15.75
C GLU A 324 13.56 -2.20 17.19
N TYR A 325 12.79 -3.26 17.41
CA TYR A 325 12.28 -3.59 18.74
C TYR A 325 13.03 -4.74 19.39
N ASN A 326 14.14 -5.19 18.80
CA ASN A 326 14.90 -6.28 19.37
C ASN A 326 16.40 -5.97 19.36
N ASN A 327 16.75 -4.70 19.56
CA ASN A 327 18.15 -4.26 19.72
C ASN A 327 19.01 -4.62 18.51
N GLY A 328 18.41 -4.55 17.32
CA GLY A 328 19.15 -4.64 16.08
C GLY A 328 19.22 -6.01 15.44
N VAL A 329 18.61 -7.02 16.03
CA VAL A 329 18.61 -8.36 15.45
C VAL A 329 17.17 -8.86 15.37
N GLY A 330 16.91 -9.76 14.42
CA GLY A 330 15.59 -10.34 14.27
C GLY A 330 15.13 -10.32 12.82
N ILE A 331 14.36 -11.34 12.45
CA ILE A 331 13.77 -11.43 11.13
C ILE A 331 12.27 -11.70 11.26
N ASP A 332 11.57 -11.53 10.14
CA ASP A 332 10.15 -11.84 10.04
C ASP A 332 9.94 -12.61 8.73
N ALA A 333 8.80 -13.30 8.64
CA ALA A 333 8.55 -14.22 7.54
C ALA A 333 7.08 -14.13 7.15
N PRO A 334 6.69 -13.05 6.48
CA PRO A 334 5.27 -12.72 6.31
C PRO A 334 4.58 -13.23 5.05
N PHE A 335 5.28 -13.89 4.12
CA PHE A 335 4.73 -14.18 2.80
C PHE A 335 4.45 -15.66 2.65
N VAL A 336 3.98 -16.05 1.45
CA VAL A 336 3.77 -17.47 1.17
C VAL A 336 4.99 -18.10 0.53
N PHE A 337 6.04 -17.34 0.27
CA PHE A 337 7.31 -17.83 -0.25
C PHE A 337 8.41 -17.48 0.76
N ASP A 338 9.22 -18.48 1.13
CA ASP A 338 10.15 -18.28 2.23
C ASP A 338 11.45 -17.62 1.75
N HIS A 339 12.41 -17.46 2.67
CA HIS A 339 13.60 -16.68 2.38
C HIS A 339 14.50 -17.33 1.33
N ASN A 340 14.32 -18.62 1.05
CA ASN A 340 15.02 -19.30 -0.03
C ASN A 340 14.16 -19.46 -1.29
N TYR A 341 13.02 -18.76 -1.37
CA TYR A 341 12.04 -18.82 -2.45
C TYR A 341 11.28 -20.15 -2.48
N ARG A 342 11.37 -20.96 -1.42
CA ARG A 342 10.60 -22.19 -1.35
CA ARG A 342 10.59 -22.19 -1.35
C ARG A 342 9.19 -21.90 -0.85
N VAL A 343 8.20 -22.62 -1.38
CA VAL A 343 6.83 -22.38 -0.95
C VAL A 343 6.68 -22.76 0.52
N LYS A 344 5.82 -22.03 1.21
CA LYS A 344 5.48 -22.27 2.61
C LYS A 344 4.10 -22.92 2.72
N PRO A 345 3.75 -23.44 3.90
CA PRO A 345 2.39 -23.98 4.06
C PRO A 345 1.31 -23.01 3.64
N ALA A 346 1.53 -21.70 3.79
CA ALA A 346 0.53 -20.73 3.39
C ALA A 346 0.29 -20.73 1.89
N TYR A 347 1.34 -21.00 1.09
CA TYR A 347 1.14 -21.06 -0.36
C TYR A 347 0.11 -22.11 -0.72
N TRP A 348 0.29 -23.34 -0.20
CA TRP A 348 -0.65 -24.40 -0.52
C TRP A 348 -2.06 -24.03 -0.08
N ARG A 349 -2.20 -23.32 1.04
CA ARG A 349 -3.53 -23.03 1.56
C ARG A 349 -4.23 -21.89 0.82
N ILE A 350 -3.53 -21.05 0.06
CA ILE A 350 -4.21 -20.06 -0.76
C ILE A 350 -4.19 -20.39 -2.24
N ILE A 351 -3.43 -21.39 -2.68
CA ILE A 351 -3.57 -21.87 -4.04
C ILE A 351 -4.70 -22.89 -4.18
N ASP A 352 -5.08 -23.55 -3.08
CA ASP A 352 -5.96 -24.71 -3.22
C ASP A 352 -7.40 -24.27 -3.52
N LEU A 353 -8.23 -25.27 -3.80
CA LEU A 353 -9.66 -25.08 -4.06
C LEU A 353 -10.52 -25.62 -2.92
N GLU A 354 -9.96 -25.69 -1.72
CA GLU A 354 -10.70 -26.17 -0.58
C GLU A 354 -11.95 -25.30 -0.35
N HIS A 355 -13.08 -25.96 -0.08
CA HIS A 355 -14.33 -25.23 0.07
C HIS A 355 -15.26 -25.94 1.06
N HIS A 356 -14.69 -26.47 2.14
CA HIS A 356 -15.51 -27.19 3.11
C HIS A 356 -15.90 -26.38 4.34
N HIS A 357 -15.44 -25.13 4.43
CA HIS A 357 -15.72 -24.20 5.53
C HIS A 357 -15.09 -24.69 6.83
N HIS A 358 -15.18 -23.87 7.87
CA HIS A 358 -14.45 -24.10 9.11
C HIS A 358 -15.37 -23.81 10.29
N HIS A 359 -16.51 -24.49 10.30
CA HIS A 359 -17.53 -24.24 11.31
C HIS A 359 -17.11 -24.79 12.66
N HIS A 360 -17.66 -24.19 13.72
CA HIS A 360 -17.36 -24.61 15.07
C HIS A 360 -18.63 -24.66 15.91
C1 MPD B . -8.82 -22.37 9.54
C2 MPD B . -8.42 -23.47 10.52
O2 MPD B . -9.62 -24.12 11.00
CM MPD B . -7.56 -24.50 9.81
C3 MPD B . -7.67 -22.88 11.71
C4 MPD B . -8.56 -21.96 12.53
O4 MPD B . -9.20 -22.72 13.54
C5 MPD B . -7.74 -20.85 13.17
C1 MPD C . 8.61 5.60 -18.74
C2 MPD C . 8.85 6.04 -20.18
O2 MPD C . 7.59 6.14 -20.88
CM MPD C . 9.70 4.99 -20.89
C3 MPD C . 9.50 7.41 -20.26
C4 MPD C . 9.53 7.83 -21.74
O4 MPD C . 8.31 8.49 -22.04
C5 MPD C . 10.70 8.74 -22.05
C1 MPD D . 5.34 1.41 3.11
C2 MPD D . 4.96 1.14 4.56
O2 MPD D . 3.57 1.53 4.72
CM MPD D . 5.09 -0.34 4.87
C3 MPD D . 5.92 1.93 5.46
C4 MPD D . 5.33 2.64 6.69
O4 MPD D . 4.42 1.82 7.38
C5 MPD D . 6.47 2.98 7.65
C1 MPD E . -6.49 -28.57 4.46
C2 MPD E . -7.68 -29.44 4.88
O2 MPD E . -8.75 -29.28 3.91
CM MPD E . -7.26 -30.90 4.88
C3 MPD E . -8.18 -29.07 6.26
C4 MPD E . -8.28 -27.56 6.49
O4 MPD E . -9.00 -26.94 5.44
C5 MPD E . -8.97 -27.25 7.80
C1 MPD F . -4.09 -10.64 -16.09
C2 MPD F . -5.10 -11.69 -16.55
O2 MPD F . -4.75 -12.08 -17.90
CM MPD F . -6.51 -11.12 -16.52
C3 MPD F . -5.05 -12.92 -15.64
C4 MPD F . -3.73 -13.66 -15.76
O4 MPD F . -2.81 -13.14 -14.81
C5 MPD F . -3.93 -15.14 -15.48
C1 MPD G . -25.01 7.40 -2.58
C2 MPD G . -23.51 7.46 -2.84
O2 MPD G . -23.26 8.29 -4.00
CM MPD G . -23.01 6.06 -3.17
C3 MPD G . -22.70 7.99 -1.65
C4 MPD G . -23.08 9.32 -0.96
O4 MPD G . -21.91 9.81 -0.35
C5 MPD G . -23.61 10.42 -1.87
C1 MPD H . 18.76 -15.95 4.17
C2 MPD H . 19.14 -15.11 2.97
O2 MPD H . 19.19 -16.00 1.82
CM MPD H . 20.51 -14.47 3.18
C3 MPD H . 18.09 -14.04 2.65
C4 MPD H . 17.93 -12.97 3.71
O4 MPD H . 17.82 -11.69 3.11
C5 MPD H . 16.65 -13.24 4.47
CA CA I . -7.65 -22.16 0.82
CA CA J . -12.87 -8.44 -7.94
CA CA K . 12.52 -11.71 6.43
CA CA L . 19.07 -20.48 16.99
NI NI M . -10.32 -23.11 4.36
NI NI N . -5.83 -6.53 -13.74
#